data_8GL3
#
_entry.id   8GL3
#
_cell.length_a   32.120
_cell.length_b   44.703
_cell.length_c   182.579
_cell.angle_alpha   90.000
_cell.angle_beta   90.430
_cell.angle_gamma   90.000
#
_symmetry.space_group_name_H-M   'I 1 2 1'
#
loop_
_entity.id
_entity.type
_entity.pdbx_description
1 polymer pRLB-519
2 water water
#
_entity_poly.entity_id   1
_entity_poly.type   'polypeptide(L)'
_entity_poly.pdbx_seq_one_letter_code
;ENLYFQGSEEAREVAEEILRLLREHEELLREHERLLKEARELAERLEELARRLEELARRGEKDEEAVRQVEEAAREAERV
ARELEKSARRLQESIRELRRLLKELRELLRELKKKASEEERKIAEELERIAEEAQRILEETERILRETVRIAQEAVRLLQ
EARRRAKKGGSGSGENLYFQGGSGSEEIEKLAREIKRAVEELQKALEENERAIRLNKEAARKFEEAVEKFRK
;
_entity_poly.pdbx_strand_id   A
#
# COMPACT_ATOMS: atom_id res chain seq x y z
N GLU A 13 31.16 -7.26 -11.82
CA GLU A 13 30.52 -6.27 -10.98
C GLU A 13 29.01 -6.23 -11.24
N VAL A 14 28.62 -6.51 -12.48
CA VAL A 14 27.21 -6.54 -12.83
C VAL A 14 26.49 -7.63 -12.05
N ALA A 15 27.14 -8.79 -11.88
CA ALA A 15 26.53 -9.88 -11.12
C ALA A 15 26.34 -9.50 -9.65
N GLU A 16 27.32 -8.80 -9.07
CA GLU A 16 27.18 -8.35 -7.69
C GLU A 16 26.14 -7.25 -7.57
N GLU A 17 25.89 -6.51 -8.64
CA GLU A 17 24.88 -5.44 -8.60
C GLU A 17 23.47 -6.02 -8.56
N ILE A 18 23.23 -7.12 -9.28
CA ILE A 18 21.92 -7.76 -9.23
C ILE A 18 21.66 -8.32 -7.84
N LEU A 19 22.67 -8.92 -7.21
CA LEU A 19 22.46 -9.55 -5.91
C LEU A 19 22.12 -8.53 -4.85
N ARG A 20 22.75 -7.36 -4.90
CA ARG A 20 22.37 -6.27 -4.00
C ARG A 20 20.96 -5.77 -4.31
N LEU A 21 20.58 -5.77 -5.59
CA LEU A 21 19.23 -5.38 -5.96
C LEU A 21 18.21 -6.41 -5.47
N LEU A 22 18.59 -7.69 -5.48
CA LEU A 22 17.70 -8.73 -4.99
C LEU A 22 17.50 -8.64 -3.48
N ARG A 23 18.58 -8.32 -2.74
CA ARG A 23 18.46 -8.12 -1.31
C ARG A 23 17.52 -6.95 -1.00
N GLU A 24 17.60 -5.88 -1.79
CA GLU A 24 16.72 -4.74 -1.58
C GLU A 24 15.28 -5.09 -1.93
N HIS A 25 15.08 -5.89 -2.98
CA HIS A 25 13.72 -6.35 -3.31
C HIS A 25 13.13 -7.21 -2.20
N GLU A 26 13.95 -8.01 -1.52
CA GLU A 26 13.44 -8.83 -0.44
C GLU A 26 12.94 -7.96 0.71
N GLU A 27 13.70 -6.93 1.09
CA GLU A 27 13.22 -6.00 2.11
C GLU A 27 12.02 -5.20 1.59
N LEU A 28 11.97 -4.95 0.28
CA LEU A 28 10.77 -4.35 -0.31
C LEU A 28 9.55 -5.25 -0.11
N LEU A 29 9.74 -6.56 -0.34
CA LEU A 29 8.63 -7.49 -0.30
C LEU A 29 8.00 -7.55 1.09
N ARG A 30 8.84 -7.70 2.13
CA ARG A 30 8.30 -7.86 3.48
C ARG A 30 7.66 -6.57 3.99
N GLU A 31 8.11 -5.41 3.51
CA GLU A 31 7.45 -4.16 3.85
C GLU A 31 6.13 -4.02 3.09
N HIS A 32 6.07 -4.51 1.85
CA HIS A 32 4.82 -4.46 1.10
C HIS A 32 3.81 -5.45 1.66
N GLU A 33 4.28 -6.59 2.15
CA GLU A 33 3.40 -7.53 2.83
C GLU A 33 2.82 -6.92 4.10
N ARG A 34 3.65 -6.15 4.82
CA ARG A 34 3.15 -5.43 5.98
C ARG A 34 2.12 -4.38 5.58
N LEU A 35 2.29 -3.78 4.40
CA LEU A 35 1.31 -2.81 3.92
C LEU A 35 -0.05 -3.46 3.70
N LEU A 36 -0.06 -4.67 3.13
CA LEU A 36 -1.31 -5.39 2.93
C LEU A 36 -2.00 -5.68 4.25
N LYS A 37 -1.23 -6.06 5.27
CA LYS A 37 -1.81 -6.40 6.56
C LYS A 37 -2.49 -5.18 7.19
N GLU A 38 -1.82 -4.03 7.15
CA GLU A 38 -2.41 -2.82 7.73
C GLU A 38 -3.66 -2.40 6.98
N ALA A 39 -3.64 -2.51 5.64
CA ALA A 39 -4.81 -2.11 4.85
C ALA A 39 -5.95 -3.10 4.99
N ARG A 40 -5.64 -4.38 5.16
CA ARG A 40 -6.70 -5.37 5.40
C ARG A 40 -7.39 -5.12 6.74
N GLU A 41 -6.61 -4.80 7.77
CA GLU A 41 -7.19 -4.54 9.09
C GLU A 41 -8.00 -3.24 9.08
N LEU A 42 -7.52 -2.22 8.38
CA LEU A 42 -8.26 -0.96 8.30
C LEU A 42 -9.62 -1.17 7.65
N ALA A 43 -9.68 -1.94 6.57
CA ALA A 43 -10.94 -2.20 5.90
C ALA A 43 -11.91 -2.94 6.81
N GLU A 44 -11.41 -3.91 7.58
CA GLU A 44 -12.26 -4.62 8.53
C GLU A 44 -12.74 -3.68 9.63
N ARG A 45 -11.85 -2.80 10.10
CA ARG A 45 -12.25 -1.88 11.17
C ARG A 45 -13.18 -0.78 10.66
N LEU A 46 -13.07 -0.43 9.37
CA LEU A 46 -13.97 0.57 8.79
C LEU A 46 -15.36 -0.01 8.55
N GLU A 47 -15.43 -1.29 8.16
CA GLU A 47 -16.74 -1.92 8.00
C GLU A 47 -17.45 -2.05 9.34
N GLU A 48 -16.70 -2.31 10.41
CA GLU A 48 -17.29 -2.45 11.73
C GLU A 48 -17.81 -1.11 12.25
N LEU A 49 -17.05 -0.03 12.04
CA LEU A 49 -17.50 1.28 12.46
C LEU A 49 -18.74 1.71 11.71
N ALA A 50 -18.82 1.39 10.41
CA ALA A 50 -20.00 1.73 9.63
C ALA A 50 -21.24 1.06 10.19
N ARG A 51 -21.11 -0.20 10.64
CA ARG A 51 -22.25 -0.88 11.25
C ARG A 51 -22.57 -0.31 12.62
N ARG A 52 -21.53 0.06 13.39
CA ARG A 52 -21.77 0.70 14.67
C ARG A 52 -22.41 2.07 14.51
N LEU A 53 -22.05 2.80 13.45
CA LEU A 53 -22.65 4.11 13.21
C LEU A 53 -24.13 3.99 12.86
N GLU A 54 -24.48 3.00 12.04
CA GLU A 54 -25.88 2.81 11.67
C GLU A 54 -26.71 2.33 12.85
N GLU A 55 -26.10 1.71 13.86
CA GLU A 55 -26.80 1.40 15.09
C GLU A 55 -26.98 2.64 15.95
N LEU A 56 -26.00 3.54 15.93
CA LEU A 56 -26.13 4.79 16.68
C LEU A 56 -27.23 5.67 16.11
N ALA A 57 -27.44 5.61 14.79
CA ALA A 57 -28.48 6.43 14.18
C ALA A 57 -29.87 5.93 14.55
N ARG A 58 -30.04 4.62 14.68
CA ARG A 58 -31.34 4.07 15.02
C ARG A 58 -31.64 4.13 16.51
N ARG A 59 -30.61 3.99 17.35
CA ARG A 59 -30.80 4.05 18.80
C ARG A 59 -30.97 5.49 19.27
N ASP A 63 -27.76 6.63 24.41
CA ASP A 63 -26.87 5.52 24.73
C ASP A 63 -25.42 5.99 24.71
N GLU A 64 -24.84 6.19 25.90
CA GLU A 64 -23.46 6.63 25.98
C GLU A 64 -22.49 5.51 25.59
N GLU A 65 -22.90 4.25 25.75
CA GLU A 65 -22.07 3.14 25.32
C GLU A 65 -21.98 3.08 23.80
N ALA A 66 -23.10 3.33 23.12
CA ALA A 66 -23.08 3.35 21.66
C ALA A 66 -22.20 4.49 21.14
N VAL A 67 -22.21 5.63 21.82
CA VAL A 67 -21.31 6.71 21.45
C VAL A 67 -19.87 6.35 21.81
N ARG A 68 -19.68 5.72 22.97
CA ARG A 68 -18.34 5.36 23.40
C ARG A 68 -17.69 4.35 22.46
N GLN A 69 -18.46 3.34 22.04
CA GLN A 69 -17.90 2.32 21.16
C GLN A 69 -17.61 2.87 19.77
N VAL A 70 -18.35 3.89 19.33
CA VAL A 70 -18.01 4.57 18.08
C VAL A 70 -16.71 5.35 18.24
N GLU A 71 -16.53 6.01 19.38
CA GLU A 71 -15.31 6.76 19.62
C GLU A 71 -14.10 5.85 19.68
N GLU A 72 -14.23 4.70 20.36
CA GLU A 72 -13.10 3.79 20.50
C GLU A 72 -12.82 3.04 19.21
N ALA A 73 -13.86 2.71 18.43
CA ALA A 73 -13.63 2.02 17.17
C ALA A 73 -13.02 2.94 16.13
N ALA A 74 -13.38 4.23 16.14
CA ALA A 74 -12.78 5.17 15.20
C ALA A 74 -11.37 5.55 15.61
N ARG A 75 -11.12 5.71 16.93
CA ARG A 75 -9.79 6.12 17.39
C ARG A 75 -8.75 5.06 17.06
N GLU A 76 -9.13 3.78 17.20
CA GLU A 76 -8.21 2.70 16.87
C GLU A 76 -8.07 2.51 15.37
N ALA A 77 -9.15 2.71 14.61
CA ALA A 77 -9.07 2.66 13.16
C ALA A 77 -8.18 3.78 12.62
N GLU A 78 -8.13 4.91 13.32
CA GLU A 78 -7.24 6.00 12.91
C GLU A 78 -5.78 5.61 13.11
N ARG A 79 -5.47 4.92 14.21
CA ARG A 79 -4.10 4.47 14.44
C ARG A 79 -3.63 3.51 13.36
N VAL A 80 -4.54 2.64 12.88
CA VAL A 80 -4.17 1.69 11.83
C VAL A 80 -3.97 2.41 10.51
N ALA A 81 -4.77 3.44 10.23
CA ALA A 81 -4.59 4.19 9.00
C ALA A 81 -3.27 4.96 9.00
N ARG A 82 -2.82 5.43 10.18
CA ARG A 82 -1.51 6.06 10.26
C ARG A 82 -0.40 5.08 9.92
N GLU A 83 -0.48 3.86 10.45
CA GLU A 83 0.52 2.83 10.14
C GLU A 83 0.49 2.47 8.66
N LEU A 84 -0.70 2.43 8.07
CA LEU A 84 -0.80 2.20 6.62
C LEU A 84 -0.10 3.31 5.85
N GLU A 85 -0.30 4.57 6.27
CA GLU A 85 0.33 5.69 5.59
C GLU A 85 1.85 5.66 5.78
N LYS A 86 2.30 5.31 7.00
CA LYS A 86 3.73 5.27 7.26
C LYS A 86 4.40 4.13 6.48
N SER A 87 3.70 3.00 6.32
CA SER A 87 4.28 1.89 5.59
C SER A 87 4.35 2.18 4.09
N ALA A 88 3.33 2.83 3.54
CA ALA A 88 3.35 3.18 2.13
C ALA A 88 4.37 4.28 1.84
N ARG A 89 4.57 5.20 2.79
CA ARG A 89 5.62 6.19 2.63
C ARG A 89 7.00 5.55 2.67
N ARG A 90 7.17 4.54 3.52
CA ARG A 90 8.45 3.84 3.57
C ARG A 90 8.71 3.05 2.30
N LEU A 91 7.67 2.46 1.71
CA LEU A 91 7.83 1.76 0.44
C LEU A 91 8.19 2.70 -0.69
N GLN A 92 7.72 3.95 -0.63
CA GLN A 92 7.98 4.89 -1.71
C GLN A 92 9.43 5.37 -1.70
N GLU A 93 10.01 5.56 -0.51
CA GLU A 93 11.41 5.95 -0.43
C GLU A 93 12.35 4.78 -0.72
N SER A 94 11.82 3.56 -0.78
CA SER A 94 12.63 2.39 -1.11
C SER A 94 12.55 2.01 -2.59
N ILE A 95 11.46 2.37 -3.27
CA ILE A 95 11.43 2.25 -4.72
C ILE A 95 12.46 3.20 -5.33
N ARG A 96 12.67 4.36 -4.71
CA ARG A 96 13.73 5.26 -5.13
C ARG A 96 15.10 4.60 -4.99
N GLU A 97 15.29 3.83 -3.93
CA GLU A 97 16.53 3.08 -3.77
C GLU A 97 16.69 2.04 -4.87
N LEU A 98 15.61 1.33 -5.20
CA LEU A 98 15.67 0.33 -6.26
C LEU A 98 16.04 0.97 -7.60
N ARG A 99 15.48 2.14 -7.89
CA ARG A 99 15.75 2.79 -9.17
C ARG A 99 17.13 3.44 -9.20
N ARG A 100 17.66 3.85 -8.05
CA ARG A 100 19.04 4.34 -8.00
C ARG A 100 20.02 3.20 -8.21
N LEU A 101 19.74 2.04 -7.60
CA LEU A 101 20.50 0.83 -7.91
C LEU A 101 20.29 0.39 -9.35
N LEU A 102 19.13 0.73 -9.94
CA LEU A 102 18.83 0.28 -11.29
C LEU A 102 19.61 1.09 -12.33
N LYS A 103 19.79 2.39 -12.07
CA LYS A 103 20.56 3.21 -13.01
C LYS A 103 22.04 2.85 -12.99
N GLU A 104 22.58 2.51 -11.80
CA GLU A 104 23.94 2.03 -11.73
C GLU A 104 24.10 0.71 -12.48
N LEU A 105 23.06 -0.12 -12.50
CA LEU A 105 23.11 -1.37 -13.25
C LEU A 105 22.98 -1.12 -14.74
N ARG A 106 22.11 -0.17 -15.14
CA ARG A 106 21.93 0.14 -16.55
C ARG A 106 23.25 0.51 -17.21
N GLU A 107 24.07 1.32 -16.53
CA GLU A 107 25.35 1.70 -17.10
C GLU A 107 26.37 0.58 -17.03
N LEU A 108 26.29 -0.26 -16.00
CA LEU A 108 27.23 -1.37 -15.86
C LEU A 108 27.00 -2.44 -16.92
N LEU A 109 25.74 -2.74 -17.23
CA LEU A 109 25.46 -3.76 -18.23
C LEU A 109 25.75 -3.25 -19.63
N ARG A 110 25.51 -1.96 -19.89
CA ARG A 110 25.82 -1.41 -21.21
C ARG A 110 27.32 -1.29 -21.46
N GLU A 111 28.15 -1.45 -20.42
CA GLU A 111 29.58 -1.61 -20.64
C GLU A 111 29.90 -2.90 -21.36
N LEU A 112 28.98 -3.86 -21.37
CA LEU A 112 29.15 -5.13 -22.06
C LEU A 112 30.38 -5.88 -21.56
N ARG A 121 27.77 -8.87 -25.12
CA ARG A 121 27.36 -10.21 -24.72
C ARG A 121 25.83 -10.31 -24.72
N LYS A 122 25.32 -11.45 -25.17
CA LYS A 122 23.87 -11.63 -25.26
C LYS A 122 23.21 -11.71 -23.89
N ILE A 123 23.96 -12.10 -22.86
CA ILE A 123 23.41 -12.10 -21.51
C ILE A 123 23.11 -10.67 -21.06
N ALA A 124 23.99 -9.73 -21.41
CA ALA A 124 23.72 -8.33 -21.11
C ALA A 124 22.53 -7.81 -21.89
N GLU A 125 22.31 -8.31 -23.11
CA GLU A 125 21.15 -7.90 -23.88
C GLU A 125 19.86 -8.38 -23.23
N GLU A 126 19.89 -9.58 -22.63
CA GLU A 126 18.71 -10.06 -21.91
C GLU A 126 18.48 -9.30 -20.61
N LEU A 127 19.55 -8.84 -19.97
CA LEU A 127 19.42 -8.13 -18.71
C LEU A 127 18.79 -6.75 -18.90
N GLU A 128 18.94 -6.16 -20.09
CA GLU A 128 18.39 -4.83 -20.34
C GLU A 128 16.90 -4.86 -20.66
N ARG A 129 16.38 -5.99 -21.15
CA ARG A 129 14.94 -6.10 -21.38
C ARG A 129 14.19 -6.30 -20.07
N ILE A 130 14.75 -7.11 -19.16
CA ILE A 130 14.10 -7.33 -17.86
C ILE A 130 14.34 -6.17 -16.91
N ALA A 131 15.41 -5.40 -17.10
CA ALA A 131 15.60 -4.19 -16.30
C ALA A 131 14.69 -3.06 -16.77
N GLU A 132 14.52 -2.93 -18.09
CA GLU A 132 13.59 -1.93 -18.62
C GLU A 132 12.16 -2.25 -18.22
N GLU A 133 11.81 -3.54 -18.18
CA GLU A 133 10.49 -3.92 -17.70
C GLU A 133 10.35 -3.66 -16.21
N ALA A 134 11.41 -3.91 -15.43
CA ALA A 134 11.37 -3.63 -14.00
C ALA A 134 11.21 -2.14 -13.73
N GLN A 135 11.71 -1.29 -14.64
CA GLN A 135 11.47 0.15 -14.50
C GLN A 135 10.00 0.48 -14.60
N ARG A 136 9.30 -0.11 -15.57
CA ARG A 136 7.88 0.17 -15.76
C ARG A 136 7.05 -0.37 -14.60
N ILE A 137 7.46 -1.51 -14.02
CA ILE A 137 6.72 -2.07 -12.89
C ILE A 137 6.86 -1.19 -11.66
N LEU A 138 8.09 -0.71 -11.40
CA LEU A 138 8.30 0.17 -10.25
C LEU A 138 7.53 1.47 -10.39
N GLU A 139 7.46 2.01 -11.61
CA GLU A 139 6.66 3.22 -11.85
C GLU A 139 5.18 2.94 -11.61
N GLU A 140 4.69 1.79 -12.09
CA GLU A 140 3.31 1.42 -11.83
C GLU A 140 3.10 1.13 -10.34
N THR A 141 4.12 0.57 -9.69
CA THR A 141 4.00 0.25 -8.27
C THR A 141 3.85 1.51 -7.42
N GLU A 142 4.65 2.54 -7.71
CA GLU A 142 4.57 3.77 -6.93
C GLU A 142 3.26 4.51 -7.20
N ARG A 143 2.68 4.33 -8.39
CA ARG A 143 1.36 4.92 -8.64
C ARG A 143 0.30 4.23 -7.80
N ILE A 144 0.46 2.93 -7.54
CA ILE A 144 -0.45 2.24 -6.64
C ILE A 144 -0.28 2.75 -5.22
N LEU A 145 0.96 2.92 -4.78
CA LEU A 145 1.22 3.38 -3.41
C LEU A 145 0.71 4.79 -3.18
N ARG A 146 0.81 5.66 -4.18
CA ARG A 146 0.31 7.02 -4.03
C ARG A 146 -1.21 7.01 -3.86
N GLU A 147 -1.91 6.15 -4.59
CA GLU A 147 -3.36 6.04 -4.42
C GLU A 147 -3.71 5.42 -3.07
N THR A 148 -2.89 4.50 -2.58
CA THR A 148 -3.12 3.91 -1.27
C THR A 148 -2.94 4.96 -0.16
N VAL A 149 -1.99 5.87 -0.34
CA VAL A 149 -1.81 6.95 0.64
C VAL A 149 -3.03 7.87 0.64
N ARG A 150 -3.61 8.11 -0.54
CA ARG A 150 -4.79 8.97 -0.61
C ARG A 150 -5.97 8.35 0.12
N ILE A 151 -6.24 7.07 -0.13
CA ILE A 151 -7.36 6.40 0.53
C ILE A 151 -7.13 6.34 2.04
N ALA A 152 -5.87 6.17 2.45
CA ALA A 152 -5.56 6.18 3.88
C ALA A 152 -5.78 7.56 4.48
N GLN A 153 -5.45 8.61 3.73
CA GLN A 153 -5.67 9.97 4.22
C GLN A 153 -7.15 10.30 4.25
N GLU A 154 -7.91 9.82 3.25
CA GLU A 154 -9.36 10.01 3.29
C GLU A 154 -9.98 9.29 4.48
N ALA A 155 -9.44 8.11 4.80
CA ALA A 155 -9.95 7.37 5.96
C ALA A 155 -9.74 8.13 7.25
N VAL A 156 -8.58 8.78 7.40
CA VAL A 156 -8.29 9.53 8.62
C VAL A 156 -9.28 10.67 8.79
N ARG A 157 -9.58 11.39 7.71
CA ARG A 157 -10.50 12.51 7.81
C ARG A 157 -11.92 12.05 8.12
N LEU A 158 -12.35 10.93 7.54
CA LEU A 158 -13.68 10.41 7.84
C LEU A 158 -13.77 9.91 9.27
N LEU A 159 -12.71 9.26 9.77
CA LEU A 159 -12.69 8.79 11.14
C LEU A 159 -12.71 9.96 12.13
N GLN A 160 -11.97 11.02 11.82
CA GLN A 160 -12.00 12.20 12.67
C GLN A 160 -13.37 12.87 12.65
N GLU A 161 -14.07 12.80 11.52
CA GLU A 161 -15.42 13.33 11.46
C GLU A 161 -16.40 12.48 12.25
N ALA A 162 -16.18 11.17 12.29
CA ALA A 162 -17.07 10.29 13.05
C ALA A 162 -16.99 10.57 14.53
N ARG A 163 -15.81 10.96 15.04
CA ARG A 163 -15.68 11.25 16.45
C ARG A 163 -16.23 12.62 16.81
N ARG A 164 -16.18 13.58 15.88
CA ARG A 164 -16.75 14.90 16.14
C ARG A 164 -18.27 14.85 16.14
N ARG A 165 -18.87 14.08 15.23
CA ARG A 165 -20.32 14.04 15.13
C ARG A 165 -20.95 13.23 16.26
N ALA A 166 -20.21 12.27 16.82
CA ALA A 166 -20.75 11.43 17.87
C ALA A 166 -20.77 12.12 19.23
N LYS A 167 -19.95 13.16 19.42
CA LYS A 167 -19.93 13.89 20.68
C LYS A 167 -21.24 14.62 20.93
N GLY A 184 -27.69 14.50 14.06
CA GLY A 184 -28.90 13.74 13.85
C GLY A 184 -28.66 12.42 13.17
N SER A 185 -29.73 11.65 12.96
CA SER A 185 -29.60 10.32 12.35
C SER A 185 -29.24 10.42 10.88
N GLU A 186 -29.74 11.45 10.18
CA GLU A 186 -29.50 11.56 8.74
C GLU A 186 -28.02 11.79 8.44
N GLU A 187 -27.35 12.59 9.27
CA GLU A 187 -25.93 12.86 9.05
C GLU A 187 -25.05 11.69 9.44
N ILE A 188 -25.47 10.90 10.44
CA ILE A 188 -24.71 9.71 10.82
C ILE A 188 -24.82 8.64 9.74
N GLU A 189 -26.00 8.55 9.09
CA GLU A 189 -26.20 7.58 8.03
C GLU A 189 -25.33 7.89 6.82
N LYS A 190 -25.27 9.16 6.41
CA LYS A 190 -24.47 9.53 5.24
C LYS A 190 -22.99 9.27 5.49
N LEU A 191 -22.51 9.59 6.69
CA LEU A 191 -21.12 9.32 7.02
C LEU A 191 -20.84 7.81 7.01
N ALA A 192 -21.78 7.01 7.50
CA ALA A 192 -21.61 5.57 7.44
C ALA A 192 -21.57 5.06 6.00
N ARG A 193 -22.33 5.70 5.10
CA ARG A 193 -22.27 5.33 3.71
C ARG A 193 -20.95 5.75 3.07
N GLU A 194 -20.45 6.93 3.44
CA GLU A 194 -19.17 7.39 2.89
C GLU A 194 -18.02 6.50 3.36
N ILE A 195 -18.09 5.99 4.59
CA ILE A 195 -17.06 5.10 5.10
C ILE A 195 -17.08 3.77 4.35
N LYS A 196 -18.29 3.28 4.02
CA LYS A 196 -18.40 2.02 3.29
C LYS A 196 -17.89 2.15 1.86
N ARG A 197 -17.99 3.34 1.27
CA ARG A 197 -17.39 3.54 -0.05
C ARG A 197 -15.87 3.60 0.03
N ALA A 198 -15.33 4.10 1.14
CA ALA A 198 -13.88 4.07 1.33
C ALA A 198 -13.39 2.64 1.49
N VAL A 199 -14.23 1.77 2.07
CA VAL A 199 -13.90 0.36 2.18
C VAL A 199 -13.75 -0.27 0.80
N GLU A 200 -14.66 0.07 -0.12
CA GLU A 200 -14.66 -0.55 -1.44
C GLU A 200 -13.42 -0.17 -2.25
N GLU A 201 -13.02 1.10 -2.19
CA GLU A 201 -11.81 1.51 -2.89
C GLU A 201 -10.56 1.04 -2.17
N LEU A 202 -10.65 0.83 -0.85
CA LEU A 202 -9.54 0.21 -0.13
C LEU A 202 -9.37 -1.24 -0.56
N GLN A 203 -10.48 -1.94 -0.79
CA GLN A 203 -10.40 -3.32 -1.30
C GLN A 203 -9.85 -3.36 -2.71
N LYS A 204 -10.13 -2.34 -3.52
CA LYS A 204 -9.56 -2.28 -4.86
C LYS A 204 -8.06 -1.98 -4.80
N ALA A 205 -7.64 -1.14 -3.84
CA ALA A 205 -6.22 -0.89 -3.65
C ALA A 205 -5.50 -2.14 -3.16
N LEU A 206 -6.18 -2.99 -2.39
CA LEU A 206 -5.60 -4.27 -1.99
C LEU A 206 -5.28 -5.13 -3.21
N GLU A 207 -6.23 -5.23 -4.14
CA GLU A 207 -6.03 -6.04 -5.34
C GLU A 207 -4.86 -5.51 -6.16
N GLU A 208 -4.78 -4.20 -6.32
CA GLU A 208 -3.70 -3.62 -7.13
C GLU A 208 -2.34 -3.74 -6.44
N ASN A 209 -2.31 -3.65 -5.12
CA ASN A 209 -1.06 -3.83 -4.40
C ASN A 209 -0.59 -5.28 -4.47
N GLU A 210 -1.51 -6.23 -4.34
CA GLU A 210 -1.15 -7.64 -4.49
C GLU A 210 -0.71 -7.95 -5.91
N ARG A 211 -1.26 -7.23 -6.89
CA ARG A 211 -0.82 -7.41 -8.27
C ARG A 211 0.58 -6.85 -8.48
N ALA A 212 0.86 -5.68 -7.90
CA ALA A 212 2.18 -5.09 -8.04
C ALA A 212 3.25 -5.93 -7.37
N ILE A 213 2.88 -6.66 -6.30
CA ILE A 213 3.84 -7.55 -5.64
C ILE A 213 4.24 -8.68 -6.57
N ARG A 214 3.26 -9.29 -7.25
CA ARG A 214 3.54 -10.37 -8.17
C ARG A 214 4.49 -9.94 -9.28
N LEU A 215 4.20 -8.79 -9.89
CA LEU A 215 5.02 -8.31 -11.01
C LEU A 215 6.45 -8.02 -10.55
N ASN A 216 6.61 -7.52 -9.32
CA ASN A 216 7.96 -7.30 -8.79
C ASN A 216 8.65 -8.62 -8.47
N LYS A 217 7.88 -9.60 -7.97
CA LYS A 217 8.45 -10.92 -7.72
C LYS A 217 8.92 -11.57 -9.01
N GLU A 218 8.09 -11.50 -10.06
CA GLU A 218 8.45 -12.14 -11.33
C GLU A 218 9.61 -11.42 -12.00
N ALA A 219 9.68 -10.09 -11.85
CA ALA A 219 10.83 -9.36 -12.39
C ALA A 219 12.11 -9.72 -11.68
N ALA A 220 12.04 -10.06 -10.39
CA ALA A 220 13.23 -10.47 -9.65
C ALA A 220 13.64 -11.89 -10.02
N ARG A 221 12.67 -12.76 -10.30
CA ARG A 221 12.98 -14.13 -10.69
C ARG A 221 13.75 -14.17 -12.01
N LYS A 222 13.42 -13.25 -12.93
CA LYS A 222 14.14 -13.16 -14.19
C LYS A 222 15.57 -12.69 -13.98
N PHE A 223 15.80 -11.83 -12.98
CA PHE A 223 17.16 -11.39 -12.69
C PHE A 223 18.02 -12.52 -12.13
N GLU A 224 17.40 -13.49 -11.46
CA GLU A 224 18.16 -14.62 -10.91
C GLU A 224 18.58 -15.57 -12.01
N GLU A 225 17.66 -15.90 -12.92
CA GLU A 225 17.96 -16.90 -13.94
C GLU A 225 18.88 -16.35 -15.02
N ALA A 226 18.71 -15.07 -15.38
CA ALA A 226 19.55 -14.49 -16.41
C ALA A 226 20.99 -14.29 -15.93
N VAL A 227 21.18 -14.02 -14.63
CA VAL A 227 22.52 -13.85 -14.09
C VAL A 227 23.18 -15.18 -13.75
N GLU A 228 22.43 -16.27 -13.77
CA GLU A 228 22.99 -17.59 -13.50
C GLU A 228 23.74 -18.13 -14.72
#